data_2X48
#
_entry.id   2X48
#
_cell.length_a   119.110
_cell.length_b   119.110
_cell.length_c   119.110
_cell.angle_alpha   90.00
_cell.angle_beta   90.00
_cell.angle_gamma   90.00
#
_symmetry.space_group_name_H-M   'I 2 3'
#
loop_
_entity.id
_entity.type
_entity.pdbx_description
1 polymer CAG38821
2 non-polymer 'PHOSPHATE ION'
3 water water
#
_entity_poly.entity_id   1
_entity_poly.type   'polypeptide(L)'
_entity_poly.pdbx_seq_one_letter_code
;MKKEIQVQGVRYYVESEDDLVSVAHELAKMGYTVQQIANALGVSERKVRRYLESC
;
_entity_poly.pdbx_strand_id   A,B,C
#
loop_
_chem_comp.id
_chem_comp.type
_chem_comp.name
_chem_comp.formula
PO4 non-polymer 'PHOSPHATE ION' 'O4 P -3'
#
# COMPACT_ATOMS: atom_id res chain seq x y z
N MET A 1 -9.40 14.34 -16.75
CA MET A 1 -8.33 14.81 -15.84
C MET A 1 -7.65 13.65 -15.10
N LYS A 2 -6.93 12.79 -15.83
CA LYS A 2 -6.18 11.71 -15.17
C LYS A 2 -4.95 12.27 -14.45
N LYS A 3 -4.80 11.92 -13.17
CA LYS A 3 -3.94 12.68 -12.26
C LYS A 3 -3.65 11.87 -10.98
N GLU A 4 -2.41 11.89 -10.50
CA GLU A 4 -1.99 11.09 -9.34
C GLU A 4 -1.54 11.96 -8.15
N ILE A 5 -2.17 11.79 -7.00
CA ILE A 5 -1.91 12.65 -5.83
C ILE A 5 -1.07 11.91 -4.75
N GLN A 6 0.07 12.49 -4.39
CA GLN A 6 0.98 11.84 -3.43
C GLN A 6 0.95 12.55 -2.08
N VAL A 7 0.49 11.80 -1.07
CA VAL A 7 0.53 12.22 0.34
C VAL A 7 1.24 11.15 1.15
N GLN A 8 2.40 11.49 1.69
CA GLN A 8 3.21 10.54 2.49
C GLN A 8 3.43 9.27 1.67
N GLY A 9 3.08 8.10 2.21
CA GLY A 9 3.31 6.83 1.51
C GLY A 9 2.21 6.37 0.55
N VAL A 10 1.13 7.15 0.47
CA VAL A 10 -0.04 6.77 -0.30
C VAL A 10 -0.12 7.63 -1.56
N ARG A 11 -0.50 7.00 -2.67
CA ARG A 11 -0.79 7.73 -3.92
C ARG A 11 -2.18 7.41 -4.40
N TYR A 12 -2.99 8.45 -4.57
CA TYR A 12 -4.38 8.29 -4.99
C TYR A 12 -4.50 8.60 -6.48
N TYR A 13 -5.05 7.67 -7.24
CA TYR A 13 -5.27 7.85 -8.68
C TYR A 13 -6.65 8.49 -8.88
N VAL A 14 -6.64 9.73 -9.39
CA VAL A 14 -7.87 10.53 -9.56
C VAL A 14 -8.23 10.59 -11.04
N GLU A 15 -9.49 10.29 -11.34
CA GLU A 15 -9.96 10.23 -12.73
C GLU A 15 -11.23 11.09 -12.95
N SER A 16 -11.78 11.64 -11.86
CA SER A 16 -13.09 12.29 -11.86
C SER A 16 -13.24 13.05 -10.54
N GLU A 17 -14.29 13.87 -10.45
CA GLU A 17 -14.53 14.64 -9.23
C GLU A 17 -14.98 13.75 -8.07
N ASP A 18 -15.71 12.66 -8.35
CA ASP A 18 -16.09 11.70 -7.31
C ASP A 18 -14.87 11.11 -6.60
N ASP A 19 -13.76 10.97 -7.33
CA ASP A 19 -12.51 10.48 -6.77
C ASP A 19 -11.88 11.54 -5.87
N LEU A 20 -12.01 12.81 -6.24
CA LEU A 20 -11.46 13.90 -5.43
C LEU A 20 -12.17 13.91 -4.09
N VAL A 21 -13.49 13.77 -4.11
CA VAL A 21 -14.26 13.72 -2.87
C VAL A 21 -13.73 12.61 -1.97
N SER A 22 -13.57 11.40 -2.54
CA SER A 22 -13.06 10.26 -1.79
C SER A 22 -11.69 10.52 -1.15
N VAL A 23 -10.78 11.13 -1.89
CA VAL A 23 -9.46 11.47 -1.35
C VAL A 23 -9.59 12.51 -0.24
N ALA A 24 -10.43 13.51 -0.47
CA ALA A 24 -10.70 14.55 0.51
C ALA A 24 -11.12 13.89 1.81
N HIS A 25 -12.08 12.97 1.72
CA HIS A 25 -12.58 12.23 2.91
C HIS A 25 -11.47 11.49 3.63
N GLU A 26 -10.59 10.82 2.88
CA GLU A 26 -9.47 10.08 3.51
C GLU A 26 -8.50 11.02 4.21
N LEU A 27 -8.19 12.13 3.57
CA LEU A 27 -7.17 13.02 4.13
C LEU A 27 -7.69 13.68 5.41
N ALA A 28 -8.98 14.02 5.42
CA ALA A 28 -9.60 14.60 6.61
C ALA A 28 -9.50 13.63 7.78
N LYS A 29 -9.88 12.39 7.54
CA LYS A 29 -9.80 11.33 8.56
C LYS A 29 -8.36 11.16 9.06
N MET A 30 -7.37 11.39 8.21
CA MET A 30 -5.95 11.34 8.56
CA MET A 30 -5.98 11.29 8.67
C MET A 30 -5.49 12.62 9.25
N GLY A 31 -6.40 13.57 9.42
CA GLY A 31 -6.13 14.76 10.21
C GLY A 31 -5.50 15.93 9.48
N TYR A 32 -5.66 15.96 8.16
CA TYR A 32 -5.16 17.07 7.36
C TYR A 32 -6.17 18.21 7.45
N THR A 33 -5.69 19.45 7.45
CA THR A 33 -6.57 20.61 7.50
C THR A 33 -7.20 20.85 6.14
N VAL A 34 -8.23 21.70 6.09
CA VAL A 34 -8.89 22.07 4.85
C VAL A 34 -7.91 22.79 3.91
N GLN A 35 -7.07 23.65 4.48
CA GLN A 35 -6.02 24.33 3.71
C GLN A 35 -5.13 23.29 3.02
N GLN A 36 -4.75 22.27 3.79
CA GLN A 36 -3.83 21.25 3.31
C GLN A 36 -4.47 20.29 2.30
N ILE A 37 -5.78 20.03 2.45
CA ILE A 37 -6.49 19.18 1.48
C ILE A 37 -6.64 19.91 0.14
N ALA A 38 -6.88 21.22 0.20
CA ALA A 38 -7.06 22.03 -0.98
C ALA A 38 -5.79 22.10 -1.83
N ASN A 39 -4.64 22.28 -1.18
CA ASN A 39 -3.37 22.29 -1.90
C ASN A 39 -3.03 20.92 -2.47
N ALA A 40 -3.34 19.87 -1.73
CA ALA A 40 -3.02 18.51 -2.17
C ALA A 40 -3.80 18.11 -3.43
N LEU A 41 -5.04 18.58 -3.54
CA LEU A 41 -5.97 18.20 -4.61
C LEU A 41 -6.06 19.23 -5.75
N GLY A 42 -5.57 20.45 -5.52
CA GLY A 42 -5.59 21.48 -6.53
C GLY A 42 -6.95 22.13 -6.71
N VAL A 43 -7.71 22.16 -5.62
CA VAL A 43 -8.99 22.86 -5.59
C VAL A 43 -8.97 23.94 -4.50
N SER A 44 -10.08 24.66 -4.37
CA SER A 44 -10.20 25.70 -3.36
C SER A 44 -10.67 25.12 -2.03
N GLU A 45 -10.51 25.91 -0.98
CA GLU A 45 -10.96 25.51 0.35
C GLU A 45 -12.50 25.38 0.40
N ARG A 46 -13.19 26.16 -0.40
CA ARG A 46 -14.65 26.07 -0.51
C ARG A 46 -15.10 24.73 -1.06
N LYS A 47 -14.48 24.28 -2.16
CA LYS A 47 -14.75 22.95 -2.73
C LYS A 47 -14.53 21.85 -1.70
N VAL A 48 -13.39 21.93 -0.99
CA VAL A 48 -13.06 20.95 0.04
C VAL A 48 -14.10 20.94 1.17
N ARG A 49 -14.58 22.11 1.60
CA ARG A 49 -15.62 22.17 2.63
C ARG A 49 -16.89 21.47 2.14
N ARG A 50 -17.28 21.72 0.89
CA ARG A 50 -18.40 21.00 0.26
C ARG A 50 -18.17 19.50 0.27
N TYR A 51 -16.95 19.09 -0.06
CA TYR A 51 -16.62 17.68 -0.14
C TYR A 51 -16.78 16.99 1.19
N LEU A 52 -16.33 17.65 2.25
CA LEU A 52 -16.29 17.04 3.59
C LEU A 52 -17.67 16.99 4.25
N GLU A 53 -18.65 17.68 3.70
CA GLU A 53 -20.03 17.61 4.21
C GLU A 53 -20.85 16.49 3.53
N SER A 54 -20.17 15.57 2.84
CA SER A 54 -20.83 14.46 2.11
C SER A 54 -20.54 13.10 2.75
N MET B 1 -11.65 4.53 -7.27
CA MET B 1 -10.56 5.13 -6.46
C MET B 1 -9.48 4.07 -6.15
N LYS B 2 -8.58 3.89 -7.12
CA LYS B 2 -7.41 3.03 -6.96
C LYS B 2 -6.45 3.71 -5.99
N LYS B 3 -5.62 2.90 -5.34
CA LYS B 3 -4.78 3.38 -4.26
C LYS B 3 -3.45 2.62 -4.29
N GLU B 4 -2.38 3.29 -3.91
CA GLU B 4 -1.05 2.72 -4.01
C GLU B 4 -0.24 2.97 -2.74
N ILE B 5 -0.03 1.92 -1.95
CA ILE B 5 0.60 2.05 -0.64
C ILE B 5 2.06 1.61 -0.67
N GLN B 6 2.96 2.51 -0.29
CA GLN B 6 4.40 2.26 -0.29
C GLN B 6 4.93 2.04 1.12
N VAL B 7 5.33 0.80 1.42
CA VAL B 7 6.01 0.44 2.67
C VAL B 7 7.36 -0.17 2.31
N GLN B 8 8.45 0.47 2.74
CA GLN B 8 9.80 -0.04 2.43
C GLN B 8 9.93 -0.17 0.91
N GLY B 9 10.46 -1.30 0.44
CA GLY B 9 10.62 -1.53 -1.00
C GLY B 9 9.49 -2.29 -1.67
N VAL B 10 8.31 -2.27 -1.07
CA VAL B 10 7.13 -2.93 -1.63
C VAL B 10 6.03 -1.90 -1.87
N ARG B 11 5.38 -1.98 -3.03
CA ARG B 11 4.31 -1.07 -3.38
C ARG B 11 3.02 -1.87 -3.58
N TYR B 12 2.04 -1.65 -2.72
CA TYR B 12 0.78 -2.40 -2.77
C TYR B 12 -0.24 -1.62 -3.59
N TYR B 13 -0.86 -2.28 -4.56
CA TYR B 13 -1.90 -1.67 -5.39
C TYR B 13 -3.24 -2.09 -4.80
N VAL B 14 -3.94 -1.16 -4.18
CA VAL B 14 -5.20 -1.44 -3.51
C VAL B 14 -6.38 -0.86 -4.30
N GLU B 15 -7.39 -1.69 -4.55
CA GLU B 15 -8.59 -1.30 -5.31
C GLU B 15 -9.88 -1.48 -4.51
N SER B 16 -9.88 -2.40 -3.54
CA SER B 16 -11.06 -2.77 -2.80
C SER B 16 -10.75 -2.89 -1.32
N GLU B 17 -11.78 -3.09 -0.50
CA GLU B 17 -11.55 -3.37 0.92
C GLU B 17 -10.78 -4.67 1.09
N ASP B 18 -11.10 -5.69 0.30
CA ASP B 18 -10.42 -6.97 0.39
C ASP B 18 -8.90 -6.79 0.17
N ASP B 19 -8.52 -5.91 -0.74
CA ASP B 19 -7.11 -5.61 -0.96
C ASP B 19 -6.51 -4.99 0.30
N LEU B 20 -7.22 -4.04 0.89
CA LEU B 20 -6.75 -3.43 2.13
C LEU B 20 -6.56 -4.48 3.19
N VAL B 21 -7.45 -5.47 3.24
CA VAL B 21 -7.34 -6.54 4.25
C VAL B 21 -6.04 -7.36 4.07
N SER B 22 -5.70 -7.67 2.81
CA SER B 22 -4.51 -8.49 2.52
C SER B 22 -3.24 -7.75 2.87
N VAL B 23 -3.19 -6.46 2.59
CA VAL B 23 -2.02 -5.65 2.92
C VAL B 23 -1.84 -5.58 4.44
N ALA B 24 -2.93 -5.30 5.13
CA ALA B 24 -2.94 -5.31 6.59
C ALA B 24 -2.40 -6.63 7.15
N HIS B 25 -2.86 -7.76 6.63
CA HIS B 25 -2.35 -9.06 7.11
C HIS B 25 -0.85 -9.20 6.90
N GLU B 26 -0.35 -8.65 5.78
CA GLU B 26 1.07 -8.74 5.45
C GLU B 26 1.93 -7.87 6.34
N LEU B 27 1.53 -6.63 6.54
CA LEU B 27 2.29 -5.72 7.39
C LEU B 27 2.30 -6.28 8.82
N ALA B 28 1.18 -6.84 9.26
CA ALA B 28 1.13 -7.46 10.58
C ALA B 28 2.16 -8.59 10.67
N LYS B 29 2.20 -9.44 9.65
CA LYS B 29 3.20 -10.51 9.58
C LYS B 29 4.63 -9.95 9.60
N MET B 30 4.84 -8.80 8.96
CA MET B 30 6.15 -8.15 8.89
CA MET B 30 6.17 -8.18 8.91
C MET B 30 6.51 -7.44 10.20
N GLY B 31 5.64 -7.53 11.20
CA GLY B 31 5.90 -6.98 12.53
C GLY B 31 5.44 -5.56 12.81
N TYR B 32 4.62 -4.99 11.94
CA TYR B 32 4.14 -3.63 12.13
C TYR B 32 3.02 -3.62 13.18
N THR B 33 2.92 -2.54 13.97
CA THR B 33 1.86 -2.43 14.98
C THR B 33 0.57 -1.96 14.33
N VAL B 34 -0.55 -2.06 15.06
CA VAL B 34 -1.85 -1.59 14.56
C VAL B 34 -1.81 -0.11 14.17
N GLN B 35 -1.13 0.68 15.00
CA GLN B 35 -0.91 2.11 14.76
C GLN B 35 -0.21 2.29 13.41
N GLN B 36 0.93 1.62 13.25
CA GLN B 36 1.75 1.76 12.04
C GLN B 36 1.04 1.28 10.77
N ILE B 37 0.24 0.22 10.87
CA ILE B 37 -0.56 -0.27 9.74
C ILE B 37 -1.63 0.77 9.35
N ALA B 38 -2.37 1.28 10.35
CA ALA B 38 -3.37 2.32 10.12
C ALA B 38 -2.80 3.48 9.33
N ASN B 39 -1.67 4.01 9.79
CA ASN B 39 -1.00 5.14 9.13
C ASN B 39 -0.55 4.81 7.72
N ALA B 40 0.01 3.62 7.53
CA ALA B 40 0.47 3.16 6.21
C ALA B 40 -0.68 3.02 5.22
N LEU B 41 -1.84 2.56 5.70
CA LEU B 41 -2.98 2.30 4.81
C LEU B 41 -3.89 3.50 4.65
N GLY B 42 -3.83 4.44 5.59
CA GLY B 42 -4.68 5.65 5.52
C GLY B 42 -6.08 5.39 6.04
N VAL B 43 -6.18 4.49 7.02
CA VAL B 43 -7.45 4.16 7.67
C VAL B 43 -7.29 4.19 9.19
N SER B 44 -8.41 4.20 9.91
CA SER B 44 -8.37 4.28 11.36
C SER B 44 -7.88 2.97 11.97
N GLU B 45 -7.34 3.05 13.20
CA GLU B 45 -6.88 1.86 13.91
C GLU B 45 -7.99 0.83 14.10
N ARG B 46 -9.23 1.30 14.23
CA ARG B 46 -10.39 0.41 14.42
C ARG B 46 -10.62 -0.45 13.19
N LYS B 47 -10.60 0.16 12.02
CA LYS B 47 -10.74 -0.58 10.76
C LYS B 47 -9.63 -1.61 10.62
N VAL B 48 -8.40 -1.28 11.02
CA VAL B 48 -7.32 -2.25 10.97
C VAL B 48 -7.58 -3.45 11.88
N ARG B 49 -8.05 -3.16 13.09
CA ARG B 49 -8.34 -4.22 14.05
C ARG B 49 -9.34 -5.24 13.48
N ARG B 50 -10.37 -4.75 12.80
CA ARG B 50 -11.37 -5.61 12.13
C ARG B 50 -10.73 -6.40 10.98
N TYR B 51 -9.92 -5.73 10.18
CA TYR B 51 -9.23 -6.40 9.07
C TYR B 51 -8.42 -7.58 9.57
N LEU B 52 -7.65 -7.38 10.64
CA LEU B 52 -6.71 -8.39 11.13
C LEU B 52 -7.38 -9.65 11.69
N GLU B 53 -8.52 -9.54 12.34
CA GLU B 53 -9.15 -10.74 12.89
C GLU B 53 -9.99 -11.53 11.86
N SER B 54 -9.82 -11.24 10.57
CA SER B 54 -10.57 -11.92 9.49
C SER B 54 -9.77 -13.06 8.85
N MET C 1 -3.30 -10.75 -5.58
CA MET C 1 -2.57 -9.75 -4.74
C MET C 1 -2.39 -8.43 -5.49
N LYS C 2 -1.43 -8.42 -6.43
CA LYS C 2 -0.95 -7.24 -7.19
C LYS C 2 -0.06 -6.24 -6.42
N LYS C 3 1.25 -6.43 -6.53
CA LYS C 3 2.21 -5.54 -5.88
C LYS C 3 3.56 -5.48 -6.62
N GLU C 4 4.42 -4.57 -6.18
CA GLU C 4 5.63 -4.24 -6.91
C GLU C 4 6.84 -4.28 -5.96
N ILE C 5 7.71 -5.26 -6.17
CA ILE C 5 8.92 -5.46 -5.34
C ILE C 5 10.11 -4.69 -5.96
N GLN C 6 10.64 -3.69 -5.26
CA GLN C 6 11.81 -2.93 -5.73
C GLN C 6 13.10 -3.32 -5.01
N VAL C 7 14.09 -3.73 -5.79
CA VAL C 7 15.40 -4.15 -5.29
C VAL C 7 16.51 -3.54 -6.16
N GLN C 8 17.20 -2.53 -5.64
CA GLN C 8 18.23 -1.80 -6.39
C GLN C 8 17.72 -1.34 -7.76
N GLY C 9 18.21 -1.94 -8.84
CA GLY C 9 17.94 -1.45 -10.19
C GLY C 9 16.65 -1.96 -10.81
N VAL C 10 16.00 -2.93 -10.15
CA VAL C 10 14.89 -3.65 -10.75
C VAL C 10 13.63 -3.54 -9.90
N ARG C 11 12.49 -3.42 -10.58
CA ARG C 11 11.17 -3.51 -9.95
C ARG C 11 10.40 -4.68 -10.53
N TYR C 12 9.99 -5.60 -9.67
CA TYR C 12 9.25 -6.80 -10.09
C TYR C 12 7.77 -6.60 -9.84
N TYR C 13 6.97 -6.80 -10.89
CA TYR C 13 5.51 -6.73 -10.79
C TYR C 13 4.95 -8.12 -10.53
N VAL C 14 4.40 -8.29 -9.33
CA VAL C 14 3.95 -9.59 -8.83
C VAL C 14 2.42 -9.57 -8.65
N GLU C 15 1.76 -10.52 -9.34
CA GLU C 15 0.30 -10.60 -9.36
C GLU C 15 -0.22 -11.91 -8.75
N SER C 16 0.68 -12.90 -8.58
CA SER C 16 0.30 -14.23 -8.12
C SER C 16 1.43 -14.89 -7.34
N GLU C 17 1.12 -16.02 -6.70
CA GLU C 17 2.13 -16.74 -5.95
C GLU C 17 3.23 -17.24 -6.88
N ASP C 18 2.86 -17.64 -8.09
CA ASP C 18 3.85 -18.08 -9.08
C ASP C 18 4.80 -16.98 -9.52
N ASP C 19 4.36 -15.72 -9.46
CA ASP C 19 5.25 -14.60 -9.73
C ASP C 19 6.26 -14.48 -8.61
N LEU C 20 5.80 -14.61 -7.38
CA LEU C 20 6.68 -14.56 -6.22
C LEU C 20 7.78 -15.59 -6.32
N VAL C 21 7.44 -16.79 -6.78
CA VAL C 21 8.45 -17.83 -6.91
C VAL C 21 9.55 -17.41 -7.87
N SER C 22 9.15 -16.81 -9.00
CA SER C 22 10.10 -16.34 -9.99
C SER C 22 11.03 -15.29 -9.40
N VAL C 23 10.50 -14.34 -8.63
CA VAL C 23 11.32 -13.25 -8.10
C VAL C 23 12.34 -13.83 -7.13
N ALA C 24 11.88 -14.81 -6.35
CA ALA C 24 12.70 -15.50 -5.37
C ALA C 24 13.88 -16.18 -6.02
N HIS C 25 13.65 -16.85 -7.15
CA HIS C 25 14.75 -17.53 -7.85
C HIS C 25 15.78 -16.53 -8.33
N GLU C 26 15.33 -15.44 -8.94
CA GLU C 26 16.23 -14.45 -9.50
C GLU C 26 17.04 -13.77 -8.39
N LEU C 27 16.40 -13.45 -7.28
CA LEU C 27 17.07 -12.83 -6.16
C LEU C 27 18.12 -13.76 -5.55
N ALA C 28 17.82 -15.05 -5.47
CA ALA C 28 18.84 -16.04 -5.05
C ALA C 28 20.03 -16.06 -6.00
N LYS C 29 19.77 -15.97 -7.30
CA LYS C 29 20.84 -15.92 -8.29
C LYS C 29 21.72 -14.67 -8.10
N MET C 30 21.10 -13.55 -7.71
CA MET C 30 21.80 -12.28 -7.48
CA MET C 30 21.85 -12.31 -7.52
C MET C 30 22.54 -12.27 -6.14
N GLY C 31 22.55 -13.39 -5.43
CA GLY C 31 23.34 -13.56 -4.20
C GLY C 31 22.69 -13.19 -2.87
N TYR C 32 21.38 -12.97 -2.87
CA TYR C 32 20.64 -12.58 -1.67
C TYR C 32 20.37 -13.80 -0.77
N THR C 33 20.43 -13.60 0.55
CA THR C 33 20.18 -14.69 1.49
C THR C 33 18.69 -14.97 1.61
N VAL C 34 18.36 -16.10 2.23
CA VAL C 34 16.97 -16.48 2.47
C VAL C 34 16.27 -15.45 3.34
N GLN C 35 16.97 -14.95 4.37
CA GLN C 35 16.43 -13.87 5.20
C GLN C 35 16.11 -12.64 4.35
N GLN C 36 17.07 -12.25 3.52
CA GLN C 36 16.96 -11.05 2.70
C GLN C 36 15.85 -11.14 1.67
N ILE C 37 15.69 -12.33 1.06
CA ILE C 37 14.57 -12.56 0.14
C ILE C 37 13.24 -12.50 0.89
N ALA C 38 13.18 -13.12 2.08
CA ALA C 38 11.98 -13.04 2.92
C ALA C 38 11.47 -11.61 3.10
N ASN C 39 12.37 -10.69 3.44
CA ASN C 39 12.00 -9.27 3.60
C ASN C 39 11.55 -8.61 2.31
N ALA C 40 12.29 -8.88 1.24
CA ALA C 40 12.02 -8.25 -0.05
C ALA C 40 10.63 -8.58 -0.54
N LEU C 41 10.18 -9.81 -0.31
CA LEU C 41 8.91 -10.29 -0.86
C LEU C 41 7.73 -10.15 0.10
N GLY C 42 7.99 -9.89 1.37
CA GLY C 42 6.93 -9.72 2.37
C GLY C 42 6.37 -11.01 2.95
N VAL C 43 7.09 -12.10 2.76
CA VAL C 43 6.66 -13.42 3.21
C VAL C 43 7.64 -13.93 4.25
N SER C 44 7.35 -15.12 4.79
CA SER C 44 8.22 -15.76 5.76
C SER C 44 9.39 -16.48 5.08
N GLU C 45 10.38 -16.86 5.88
CA GLU C 45 11.54 -17.58 5.39
C GLU C 45 11.15 -19.01 5.02
N ARG C 46 10.16 -19.56 5.72
CA ARG C 46 9.59 -20.86 5.37
C ARG C 46 9.09 -20.87 3.93
N LYS C 47 8.17 -19.96 3.60
CA LYS C 47 7.59 -19.85 2.26
C LYS C 47 8.66 -19.73 1.17
N VAL C 48 9.70 -18.91 1.45
CA VAL C 48 10.79 -18.68 0.50
C VAL C 48 11.54 -19.98 0.18
N ARG C 49 11.85 -20.75 1.21
CA ARG C 49 12.51 -22.05 1.02
C ARG C 49 11.65 -22.99 0.17
N ARG C 50 10.35 -22.96 0.39
CA ARG C 50 9.41 -23.72 -0.44
C ARG C 50 9.41 -23.17 -1.87
N TYR C 51 9.51 -21.84 -2.00
CA TYR C 51 9.63 -21.18 -3.30
C TYR C 51 10.91 -21.58 -4.05
N LEU C 52 12.03 -21.64 -3.34
CA LEU C 52 13.29 -22.04 -3.97
C LEU C 52 13.32 -23.55 -4.27
N GLU C 53 12.40 -24.29 -3.65
CA GLU C 53 12.23 -25.72 -3.93
C GLU C 53 11.71 -25.95 -5.35
N SER C 54 10.93 -24.98 -5.86
CA SER C 54 10.28 -25.09 -7.19
C SER C 54 11.23 -24.72 -8.33
P PO4 D . 7.93 6.72 -7.30
O1 PO4 D . 8.04 7.73 -8.41
O2 PO4 D . 7.23 5.51 -7.88
O3 PO4 D . 9.29 6.31 -6.76
O4 PO4 D . 7.15 7.37 -6.18
#